data_4A4T
#
_entry.id   4A4T
#
_cell.length_a   1.000
_cell.length_b   1.000
_cell.length_c   1.000
_cell.angle_alpha   90.00
_cell.angle_beta   90.00
_cell.angle_gamma   90.00
#
_symmetry.space_group_name_H-M   'P 1'
#
_entity_poly.entity_id   1
_entity_poly.type   'polyribonucleotide'
_entity_poly.pdbx_seq_one_letter_code
;GGACCCGGCUUACGCUGGGUCC
;
_entity_poly.pdbx_strand_id   A
#
loop_
_chem_comp.id
_chem_comp.type
_chem_comp.name
_chem_comp.formula
A RNA linking ADENOSINE-5'-MONOPHOSPHATE 'C10 H14 N5 O7 P'
C RNA linking CYTIDINE-5'-MONOPHOSPHATE 'C9 H14 N3 O8 P'
G RNA linking GUANOSINE-5'-MONOPHOSPHATE 'C10 H14 N5 O8 P'
U RNA linking URIDINE-5'-MONOPHOSPHATE 'C9 H13 N2 O9 P'
#